data_2JDM
#
_entry.id   2JDM
#
_cell.length_a   52.674
_cell.length_b   73.090
_cell.length_c   54.917
_cell.angle_alpha   90.00
_cell.angle_beta   94.25
_cell.angle_gamma   90.00
#
_symmetry.space_group_name_H-M   'P 1 21 1'
#
loop_
_entity.id
_entity.type
_entity.pdbx_description
1 polymer 'FUCOSE-BINDING LECTIN PA-IIL'
2 non-polymer 'CALCIUM ION'
3 non-polymer 'SULFATE ION'
4 non-polymer alpha-L-fucopyranose
5 non-polymer 'methyl alpha-L-fucopyranoside'
6 water water
#
_entity_poly.entity_id   1
_entity_poly.type   'polypeptide(L)'
_entity_poly.pdbx_seq_one_letter_code
;MATQGVFTLPANTRFGVTAFANASGTQTVNVLVNNETAATFSGQSTNNAVIGTQVLNSGSSGKVQVQVSVNGRPSDLVSA
QVILTNELNFALVGSEDGTDNDYNDAVVVINWPLG
;
_entity_poly.pdbx_strand_id   A,B,C,D
#
loop_
_chem_comp.id
_chem_comp.type
_chem_comp.name
_chem_comp.formula
CA non-polymer 'CALCIUM ION' 'Ca 2'
FUC L-saccharide, alpha linking alpha-L-fucopyranose 'C6 H12 O5'
MFU L-saccharide 'methyl alpha-L-fucopyranoside' 'C7 H14 O5'
SO4 non-polymer 'SULFATE ION' 'O4 S -2'
#
# COMPACT_ATOMS: atom_id res chain seq x y z
N ALA A 2 -17.66 1.86 -3.44
CA ALA A 2 -16.83 1.65 -4.66
C ALA A 2 -16.63 0.16 -4.90
N THR A 3 -16.41 -0.19 -6.17
CA THR A 3 -16.07 -1.55 -6.53
C THR A 3 -14.78 -2.00 -5.84
N GLN A 4 -14.80 -3.23 -5.35
CA GLN A 4 -13.63 -3.82 -4.72
C GLN A 4 -13.42 -5.22 -5.26
N GLY A 5 -12.18 -5.70 -5.16
CA GLY A 5 -11.87 -7.07 -5.58
C GLY A 5 -11.59 -7.20 -7.07
N VAL A 6 -11.47 -6.06 -7.78
CA VAL A 6 -11.22 -6.06 -9.23
C VAL A 6 -9.86 -5.45 -9.52
N PHE A 7 -9.03 -6.16 -10.28
CA PHE A 7 -7.68 -5.70 -10.58
C PHE A 7 -7.34 -5.86 -12.05
N THR A 8 -6.69 -4.86 -12.62
CA THR A 8 -6.14 -4.99 -13.97
C THR A 8 -4.69 -5.43 -13.89
N LEU A 9 -4.42 -6.66 -14.35
CA LEU A 9 -3.06 -7.18 -14.44
C LEU A 9 -2.47 -6.96 -15.84
N PRO A 10 -1.12 -7.06 -15.96
CA PRO A 10 -0.60 -7.01 -17.33
C PRO A 10 -1.18 -8.19 -18.09
N ALA A 11 -1.52 -7.98 -19.35
CA ALA A 11 -2.13 -9.03 -20.15
C ALA A 11 -1.22 -10.24 -20.24
N ASN A 12 -1.84 -11.43 -20.30
CA ASN A 12 -1.14 -12.67 -20.64
C ASN A 12 0.00 -13.02 -19.69
N THR A 13 -0.23 -12.73 -18.41
CA THR A 13 0.82 -12.86 -17.38
C THR A 13 0.38 -13.87 -16.31
N ARG A 14 1.28 -14.77 -15.94
CA ARG A 14 0.94 -15.75 -14.91
C ARG A 14 0.89 -15.03 -13.56
N PHE A 15 -0.11 -15.36 -12.74
CA PHE A 15 -0.19 -14.81 -11.39
C PHE A 15 -0.56 -15.89 -10.39
N GLY A 16 -0.20 -15.65 -9.13
CA GLY A 16 -0.59 -16.57 -8.04
C GLY A 16 -1.80 -16.07 -7.29
N VAL A 17 -2.66 -16.99 -6.89
CA VAL A 17 -3.81 -16.63 -6.05
C VAL A 17 -3.94 -17.66 -4.92
N THR A 18 -4.01 -17.13 -3.71
CA THR A 18 -4.03 -17.94 -2.49
C THR A 18 -5.11 -17.38 -1.57
N ALA A 19 -5.92 -18.25 -0.95
CA ALA A 19 -6.97 -17.83 -0.04
C ALA A 19 -6.85 -18.50 1.33
N PHE A 20 -7.23 -17.75 2.37
CA PHE A 20 -7.16 -18.20 3.78
C PHE A 20 -8.54 -17.98 4.39
N ALA A 21 -8.91 -18.80 5.35
CA ALA A 21 -10.19 -18.62 6.06
C ALA A 21 -10.01 -18.30 7.54
N ASN A 22 -10.88 -17.42 8.04
CA ASN A 22 -10.91 -17.04 9.45
C ASN A 22 -12.37 -16.76 9.89
N ALA A 23 -13.17 -17.82 9.94
CA ALA A 23 -14.62 -17.67 10.19
C ALA A 23 -15.28 -18.99 10.56
N SER A 24 -16.44 -18.92 11.22
CA SER A 24 -17.16 -20.14 11.56
C SER A 24 -17.68 -20.87 10.30
N GLY A 25 -18.09 -20.10 9.28
CA GLY A 25 -18.75 -20.66 8.09
C GLY A 25 -17.82 -20.95 6.95
N THR A 26 -18.21 -21.91 6.10
CA THR A 26 -17.44 -22.25 4.91
C THR A 26 -17.36 -21.05 3.96
N GLN A 27 -16.14 -20.74 3.54
CA GLN A 27 -15.95 -19.67 2.56
C GLN A 27 -15.87 -20.29 1.18
N THR A 28 -16.57 -19.69 0.22
CA THR A 28 -16.37 -20.05 -1.17
C THR A 28 -15.77 -18.86 -1.93
N VAL A 29 -14.60 -19.07 -2.52
CA VAL A 29 -13.89 -18.01 -3.23
C VAL A 29 -13.89 -18.32 -4.72
N ASN A 30 -14.43 -17.41 -5.53
CA ASN A 30 -14.35 -17.54 -6.96
C ASN A 30 -13.40 -16.49 -7.52
N VAL A 31 -12.55 -16.92 -8.43
CA VAL A 31 -11.61 -16.04 -9.08
C VAL A 31 -11.98 -16.03 -10.57
N LEU A 32 -12.33 -14.84 -11.05
CA LEU A 32 -12.75 -14.65 -12.45
C LEU A 32 -11.65 -14.04 -13.28
N VAL A 33 -11.50 -14.54 -14.50
CA VAL A 33 -10.57 -13.94 -15.43
C VAL A 33 -11.38 -13.60 -16.67
N ASN A 34 -11.30 -12.35 -17.13
CA ASN A 34 -12.12 -11.90 -18.26
C ASN A 34 -13.57 -12.27 -18.02
N ASN A 35 -14.05 -12.07 -16.78
CA ASN A 35 -15.45 -12.27 -16.44
C ASN A 35 -15.96 -13.71 -16.55
N GLU A 36 -15.06 -14.67 -16.47
CA GLU A 36 -15.45 -16.08 -16.40
C GLU A 36 -14.73 -16.72 -15.24
N THR A 37 -15.42 -17.59 -14.50
CA THR A 37 -14.78 -18.28 -13.39
C THR A 37 -13.60 -19.10 -13.86
N ALA A 38 -12.43 -18.79 -13.30
CA ALA A 38 -11.17 -19.44 -13.61
C ALA A 38 -10.70 -20.42 -12.53
N ALA A 39 -11.03 -20.12 -11.27
CA ALA A 39 -10.71 -20.99 -10.14
C ALA A 39 -11.77 -20.83 -9.07
N THR A 40 -12.02 -21.90 -8.33
CA THR A 40 -12.93 -21.84 -7.19
C THR A 40 -12.27 -22.57 -6.03
N PHE A 41 -12.20 -21.89 -4.88
CA PHE A 41 -11.70 -22.50 -3.63
C PHE A 41 -12.80 -22.51 -2.57
N SER A 42 -12.85 -23.55 -1.76
CA SER A 42 -13.71 -23.53 -0.59
C SER A 42 -13.09 -24.24 0.59
N GLY A 43 -13.45 -23.77 1.79
CA GLY A 43 -12.97 -24.39 3.01
C GLY A 43 -13.39 -23.59 4.22
N GLN A 44 -13.12 -24.16 5.39
CA GLN A 44 -13.54 -23.57 6.66
C GLN A 44 -12.41 -23.66 7.67
N SER A 45 -12.09 -22.52 8.29
CA SER A 45 -11.03 -22.44 9.30
C SER A 45 -11.24 -21.18 10.11
N THR A 46 -10.90 -21.25 11.39
CA THR A 46 -10.81 -20.08 12.22
C THR A 46 -9.34 -19.86 12.61
N ASN A 47 -8.44 -20.55 11.88
CA ASN A 47 -7.00 -20.49 12.13
C ASN A 47 -6.17 -20.21 10.88
N ASN A 48 -6.75 -19.43 9.97
CA ASN A 48 -6.01 -18.94 8.78
C ASN A 48 -5.56 -20.05 7.85
N ALA A 49 -6.20 -21.22 7.91
CA ALA A 49 -5.87 -22.31 6.98
C ALA A 49 -5.96 -21.85 5.51
N VAL A 50 -5.03 -22.32 4.69
CA VAL A 50 -5.10 -22.09 3.24
C VAL A 50 -6.16 -22.98 2.63
N ILE A 51 -7.21 -22.36 2.10
CA ILE A 51 -8.32 -23.09 1.53
C ILE A 51 -8.17 -23.24 0.02
N GLY A 52 -7.15 -22.59 -0.55
CA GLY A 52 -6.75 -22.92 -1.92
C GLY A 52 -5.58 -22.07 -2.39
N THR A 53 -4.85 -22.58 -3.37
CA THR A 53 -3.77 -21.84 -4.02
C THR A 53 -3.63 -22.40 -5.43
N GLN A 54 -3.38 -21.52 -6.38
CA GLN A 54 -3.35 -21.90 -7.78
C GLN A 54 -2.57 -20.87 -8.57
N VAL A 55 -2.09 -21.28 -9.75
CA VAL A 55 -1.48 -20.33 -10.67
C VAL A 55 -2.39 -20.21 -11.86
N LEU A 56 -2.69 -18.98 -12.26
CA LEU A 56 -3.57 -18.69 -13.39
C LEU A 56 -2.90 -17.73 -14.35
N ASN A 57 -3.46 -17.59 -15.55
CA ASN A 57 -2.99 -16.58 -16.49
C ASN A 57 -4.05 -15.48 -16.65
N SER A 58 -3.60 -14.22 -16.66
CA SER A 58 -4.48 -13.05 -16.68
C SER A 58 -5.27 -12.91 -18.00
N GLY A 59 -4.80 -13.60 -19.03
CA GLY A 59 -5.47 -13.59 -20.35
C GLY A 59 -5.35 -12.28 -21.11
N SER A 60 -6.11 -12.18 -22.20
CA SER A 60 -5.97 -11.04 -23.13
C SER A 60 -6.28 -9.70 -22.50
N SER A 61 -7.25 -9.66 -21.59
CA SER A 61 -7.72 -8.40 -21.03
C SER A 61 -6.95 -7.98 -19.78
N GLY A 62 -6.42 -8.98 -19.07
CA GLY A 62 -5.77 -8.75 -17.76
C GLY A 62 -6.71 -8.53 -16.58
N LYS A 63 -8.01 -8.72 -16.82
N LYS A 63 -8.02 -8.60 -16.83
CA LYS A 63 -9.05 -8.41 -15.82
CA LYS A 63 -8.98 -8.37 -15.77
C LYS A 63 -9.35 -9.57 -14.85
C LYS A 63 -9.08 -9.61 -14.88
N VAL A 64 -8.99 -9.36 -13.58
CA VAL A 64 -9.10 -10.39 -12.55
C VAL A 64 -10.05 -9.89 -11.47
N GLN A 65 -10.99 -10.73 -11.08
CA GLN A 65 -11.95 -10.35 -10.06
C GLN A 65 -12.07 -11.46 -9.03
N VAL A 66 -12.11 -11.07 -7.75
CA VAL A 66 -12.33 -12.02 -6.64
C VAL A 66 -13.72 -11.77 -6.07
N GLN A 67 -14.47 -12.86 -5.87
CA GLN A 67 -15.77 -12.80 -5.23
C GLN A 67 -15.79 -13.87 -4.13
N VAL A 68 -16.46 -13.55 -3.02
CA VAL A 68 -16.53 -14.47 -1.87
C VAL A 68 -18.01 -14.62 -1.44
N SER A 69 -18.44 -15.86 -1.23
CA SER A 69 -19.81 -16.21 -0.81
C SER A 69 -19.70 -17.05 0.47
N VAL A 70 -20.56 -16.75 1.45
CA VAL A 70 -20.65 -17.54 2.67
C VAL A 70 -22.13 -17.67 3.05
N ASN A 71 -22.57 -18.89 3.36
CA ASN A 71 -23.93 -19.11 3.88
C ASN A 71 -24.98 -18.60 2.88
N GLY A 72 -24.60 -18.53 1.60
CA GLY A 72 -25.52 -18.20 0.51
C GLY A 72 -25.56 -16.74 0.09
N ARG A 73 -24.67 -15.93 0.68
CA ARG A 73 -24.66 -14.50 0.40
C ARG A 73 -23.24 -13.98 0.13
N PRO A 74 -23.10 -13.05 -0.83
CA PRO A 74 -21.78 -12.46 -1.12
C PRO A 74 -21.27 -11.64 0.07
N SER A 75 -19.99 -11.79 0.37
CA SER A 75 -19.39 -11.07 1.49
C SER A 75 -19.01 -9.66 1.04
N ASP A 76 -18.91 -8.73 1.98
CA ASP A 76 -18.49 -7.37 1.62
C ASP A 76 -16.97 -7.39 1.50
N LEU A 77 -16.47 -6.79 0.43
CA LEU A 77 -15.05 -6.87 0.10
C LEU A 77 -14.31 -5.57 0.37
N VAL A 78 -13.02 -5.70 0.72
CA VAL A 78 -12.10 -4.58 0.73
C VAL A 78 -10.85 -5.01 -0.03
N SER A 79 -10.22 -4.08 -0.71
CA SER A 79 -9.09 -4.45 -1.53
C SER A 79 -8.18 -3.28 -1.83
N ALA A 80 -6.95 -3.61 -2.21
CA ALA A 80 -5.98 -2.65 -2.71
C ALA A 80 -4.87 -3.40 -3.43
N GLN A 81 -4.13 -2.68 -4.27
CA GLN A 81 -2.96 -3.26 -4.92
C GLN A 81 -1.75 -2.47 -4.45
N VAL A 82 -0.66 -3.16 -4.14
CA VAL A 82 0.56 -2.49 -3.71
C VAL A 82 1.68 -3.00 -4.60
N ILE A 83 2.55 -2.10 -5.05
CA ILE A 83 3.74 -2.46 -5.83
C ILE A 83 5.00 -2.01 -5.09
N LEU A 84 5.94 -2.96 -4.91
CA LEU A 84 7.17 -2.71 -4.15
C LEU A 84 8.33 -2.70 -5.14
N THR A 85 9.25 -1.75 -4.95
CA THR A 85 10.41 -1.55 -5.83
C THR A 85 10.05 -1.57 -7.34
N ASN A 86 8.87 -1.02 -7.65
CA ASN A 86 8.37 -0.91 -9.02
C ASN A 86 8.31 -2.23 -9.79
N GLU A 87 8.41 -3.35 -9.07
CA GLU A 87 8.53 -4.69 -9.70
C GLU A 87 7.54 -5.74 -9.21
N LEU A 88 7.31 -5.75 -7.90
CA LEU A 88 6.65 -6.87 -7.26
C LEU A 88 5.26 -6.42 -6.90
N ASN A 89 4.25 -7.09 -7.46
CA ASN A 89 2.87 -6.71 -7.25
C ASN A 89 2.07 -7.62 -6.31
N PHE A 90 1.31 -6.99 -5.40
CA PHE A 90 0.32 -7.68 -4.54
C PHE A 90 -1.10 -7.12 -4.73
N ALA A 91 -2.05 -7.99 -5.02
CA ALA A 91 -3.46 -7.60 -5.00
C ALA A 91 -4.09 -8.29 -3.79
N LEU A 92 -4.66 -7.49 -2.90
CA LEU A 92 -5.04 -7.95 -1.58
C LEU A 92 -6.53 -7.77 -1.38
N VAL A 93 -7.18 -8.81 -0.87
CA VAL A 93 -8.62 -8.77 -0.66
C VAL A 93 -8.95 -9.27 0.74
N GLY A 94 -9.80 -8.53 1.42
CA GLY A 94 -10.37 -8.99 2.70
C GLY A 94 -11.87 -9.08 2.49
N SER A 95 -12.54 -9.86 3.31
CA SER A 95 -13.99 -10.01 3.15
C SER A 95 -14.72 -10.17 4.50
N GLU A 96 -15.95 -9.67 4.54
CA GLU A 96 -16.78 -9.71 5.77
C GLU A 96 -18.09 -10.45 5.51
N ASP A 97 -18.31 -11.52 6.25
CA ASP A 97 -19.47 -12.38 6.01
C ASP A 97 -20.56 -12.19 7.08
N GLY A 98 -20.25 -11.35 8.06
CA GLY A 98 -21.06 -11.20 9.25
C GLY A 98 -21.13 -9.78 9.77
N THR A 99 -20.97 -9.66 11.07
CA THR A 99 -21.33 -8.43 11.77
C THR A 99 -20.14 -7.75 12.45
N ASP A 100 -19.06 -8.47 12.72
CA ASP A 100 -17.94 -7.98 13.53
C ASP A 100 -16.92 -7.08 12.79
N ASN A 101 -17.03 -7.05 11.47
CA ASN A 101 -16.17 -6.22 10.63
C ASN A 101 -14.66 -6.43 10.82
N ASP A 102 -14.25 -7.68 11.08
CA ASP A 102 -12.81 -7.97 11.06
C ASP A 102 -12.23 -8.13 9.63
N TYR A 103 -13.09 -8.40 8.66
CA TYR A 103 -12.74 -8.42 7.23
C TYR A 103 -11.69 -9.47 6.85
N ASN A 104 -11.60 -10.52 7.66
CA ASN A 104 -10.55 -11.52 7.49
C ASN A 104 -11.18 -12.87 7.21
N ASP A 105 -12.50 -12.88 7.02
CA ASP A 105 -13.25 -14.15 6.98
C ASP A 105 -12.78 -15.04 5.83
N ALA A 106 -12.59 -14.42 4.68
CA ALA A 106 -11.75 -15.00 3.64
C ALA A 106 -10.80 -13.89 3.22
N VAL A 107 -9.51 -14.22 3.23
CA VAL A 107 -8.44 -13.29 2.87
C VAL A 107 -7.81 -13.86 1.60
N VAL A 108 -7.68 -13.04 0.56
CA VAL A 108 -7.16 -13.48 -0.73
C VAL A 108 -5.94 -12.65 -1.13
N VAL A 109 -4.88 -13.34 -1.53
CA VAL A 109 -3.63 -12.71 -1.92
C VAL A 109 -3.32 -13.12 -3.35
N ILE A 110 -3.19 -12.12 -4.22
CA ILE A 110 -2.79 -12.30 -5.60
C ILE A 110 -1.42 -11.67 -5.76
N ASN A 111 -0.50 -12.42 -6.37
CA ASN A 111 0.85 -11.94 -6.55
C ASN A 111 1.41 -12.19 -7.95
N TRP A 112 2.18 -11.25 -8.46
CA TRP A 112 2.83 -11.41 -9.76
C TRP A 112 4.00 -10.39 -9.84
N PRO A 113 4.95 -10.60 -10.77
CA PRO A 113 5.06 -11.73 -11.66
C PRO A 113 5.59 -12.96 -10.94
N LEU A 114 5.48 -14.12 -11.58
CA LEU A 114 6.02 -15.35 -11.02
C LEU A 114 7.33 -15.73 -11.73
N GLY A 115 7.88 -16.88 -11.37
CA GLY A 115 9.07 -17.42 -12.02
C GLY A 115 10.40 -16.86 -11.60
N ALA B 2 16.92 1.51 3.56
CA ALA B 2 16.33 1.53 4.92
C ALA B 2 16.10 0.09 5.29
N THR B 3 16.05 -0.19 6.60
CA THR B 3 15.68 -1.52 7.10
C THR B 3 14.38 -2.00 6.45
N GLN B 4 14.36 -3.27 6.06
CA GLN B 4 13.18 -3.86 5.44
C GLN B 4 12.90 -5.19 6.11
N GLY B 5 11.64 -5.63 6.03
CA GLY B 5 11.27 -6.97 6.54
C GLY B 5 11.18 -7.02 8.05
N VAL B 6 11.06 -5.85 8.68
CA VAL B 6 10.89 -5.76 10.12
C VAL B 6 9.56 -5.07 10.41
N PHE B 7 8.72 -5.70 11.21
CA PHE B 7 7.38 -5.17 11.51
C PHE B 7 7.09 -5.20 12.98
N THR B 8 6.33 -4.22 13.46
CA THR B 8 5.86 -4.28 14.83
C THR B 8 4.38 -4.61 14.80
N LEU B 9 4.05 -5.78 15.34
CA LEU B 9 2.65 -6.20 15.47
C LEU B 9 2.08 -5.87 16.86
N PRO B 10 0.74 -5.94 17.03
CA PRO B 10 0.20 -5.85 18.39
C PRO B 10 0.76 -7.02 19.22
N ALA B 11 1.01 -6.76 20.50
CA ALA B 11 1.59 -7.76 21.38
C ALA B 11 0.62 -8.92 21.58
N ASN B 12 1.19 -10.12 21.71
CA ASN B 12 0.47 -11.33 22.13
C ASN B 12 -0.73 -11.61 21.23
N THR B 13 -0.48 -11.48 19.92
CA THR B 13 -1.53 -11.61 18.92
C THR B 13 -1.14 -12.67 17.90
N ARG B 14 -2.10 -13.52 17.52
CA ARG B 14 -1.83 -14.53 16.50
C ARG B 14 -1.76 -13.86 15.13
N PHE B 15 -0.83 -14.33 14.30
CA PHE B 15 -0.75 -13.87 12.90
C PHE B 15 -0.40 -15.02 11.98
N GLY B 16 -0.77 -14.91 10.72
CA GLY B 16 -0.34 -15.90 9.70
C GLY B 16 0.91 -15.42 8.95
N VAL B 17 1.76 -16.35 8.58
CA VAL B 17 2.93 -16.04 7.73
C VAL B 17 3.01 -17.13 6.66
N THR B 18 3.17 -16.72 5.42
CA THR B 18 3.09 -17.61 4.27
C THR B 18 4.18 -17.19 3.30
N ALA B 19 4.98 -18.16 2.81
CA ALA B 19 6.09 -17.91 1.90
C ALA B 19 5.89 -18.62 0.57
N PHE B 20 6.24 -17.91 -0.49
CA PHE B 20 6.15 -18.38 -1.88
C PHE B 20 7.53 -18.34 -2.51
N ALA B 21 7.80 -19.28 -3.40
CA ALA B 21 9.09 -19.34 -4.10
C ALA B 21 8.94 -19.18 -5.62
N ASN B 22 9.88 -18.44 -6.21
CA ASN B 22 9.91 -18.15 -7.64
C ASN B 22 11.35 -17.91 -8.08
N ALA B 23 12.14 -18.98 -8.13
CA ALA B 23 13.56 -18.90 -8.49
C ALA B 23 14.14 -20.26 -8.79
N SER B 24 15.31 -20.30 -9.45
CA SER B 24 15.93 -21.60 -9.71
C SER B 24 16.53 -22.24 -8.46
N GLY B 25 16.94 -21.42 -7.50
CA GLY B 25 17.62 -21.91 -6.29
C GLY B 25 16.71 -22.10 -5.09
N THR B 26 17.12 -22.99 -4.20
CA THR B 26 16.35 -23.26 -2.97
C THR B 26 16.29 -22.02 -2.07
N GLN B 27 15.08 -21.60 -1.74
CA GLN B 27 14.88 -20.46 -0.85
C GLN B 27 14.81 -20.95 0.58
N THR B 28 15.46 -20.22 1.49
CA THR B 28 15.29 -20.45 2.93
C THR B 28 14.71 -19.23 3.61
N VAL B 29 13.52 -19.38 4.16
CA VAL B 29 12.84 -18.28 4.79
C VAL B 29 12.86 -18.52 6.28
N ASN B 30 13.33 -17.53 7.03
CA ASN B 30 13.30 -17.57 8.49
C ASN B 30 12.43 -16.45 9.02
N VAL B 31 11.53 -16.81 9.93
CA VAL B 31 10.65 -15.85 10.55
C VAL B 31 11.04 -15.78 12.03
N LEU B 32 11.47 -14.60 12.46
CA LEU B 32 11.92 -14.37 13.83
C LEU B 32 10.89 -13.57 14.62
N VAL B 33 10.56 -14.01 15.85
CA VAL B 33 9.68 -13.27 16.74
C VAL B 33 10.52 -12.91 17.97
N ASN B 34 10.62 -11.61 18.26
CA ASN B 34 11.47 -11.13 19.35
C ASN B 34 12.92 -11.65 19.22
N ASN B 35 13.42 -11.62 17.97
CA ASN B 35 14.83 -11.92 17.66
C ASN B 35 15.21 -13.40 17.76
N GLU B 36 14.20 -14.25 17.85
CA GLU B 36 14.38 -15.70 17.90
C GLU B 36 13.57 -16.39 16.79
N THR B 37 14.23 -17.27 16.03
CA THR B 37 13.54 -17.98 14.94
C THR B 37 12.32 -18.76 15.43
N ALA B 38 11.18 -18.54 14.78
CA ALA B 38 9.90 -19.12 15.21
C ALA B 38 9.29 -20.03 14.16
N ALA B 39 9.68 -19.81 12.91
CA ALA B 39 9.34 -20.70 11.79
C ALA B 39 10.42 -20.61 10.73
N THR B 40 10.60 -21.72 10.03
CA THR B 40 11.48 -21.77 8.91
C THR B 40 10.86 -22.62 7.79
N PHE B 41 11.00 -22.15 6.57
CA PHE B 41 10.49 -22.83 5.40
C PHE B 41 11.59 -22.85 4.33
N SER B 42 11.73 -23.98 3.65
CA SER B 42 12.71 -24.06 2.56
C SER B 42 12.12 -24.78 1.38
N GLY B 43 12.45 -24.33 0.18
CA GLY B 43 12.02 -25.02 -1.03
C GLY B 43 12.40 -24.31 -2.32
N GLN B 44 12.33 -25.04 -3.43
CA GLN B 44 12.54 -24.45 -4.74
C GLN B 44 11.29 -24.56 -5.62
N SER B 45 10.96 -23.47 -6.29
CA SER B 45 9.84 -23.44 -7.22
C SER B 45 9.98 -22.24 -8.15
N THR B 46 9.55 -22.41 -9.39
CA THR B 46 9.41 -21.27 -10.31
C THR B 46 7.93 -21.04 -10.63
N ASN B 47 7.07 -21.67 -9.82
CA ASN B 47 5.61 -21.63 -9.98
C ASN B 47 4.86 -21.19 -8.72
N ASN B 48 5.50 -20.38 -7.87
CA ASN B 48 4.82 -19.76 -6.72
C ASN B 48 4.35 -20.81 -5.71
N ALA B 49 5.10 -21.91 -5.57
CA ALA B 49 4.77 -22.90 -4.55
C ALA B 49 4.73 -22.23 -3.17
N VAL B 50 3.78 -22.66 -2.34
CA VAL B 50 3.70 -22.18 -0.96
C VAL B 50 4.67 -23.05 -0.16
N ILE B 51 5.89 -22.56 0.02
CA ILE B 51 6.93 -23.38 0.68
C ILE B 51 6.72 -23.52 2.19
N GLY B 52 5.84 -22.70 2.75
CA GLY B 52 5.42 -22.87 4.13
C GLY B 52 4.37 -21.85 4.49
N THR B 53 3.44 -22.27 5.35
CA THR B 53 2.50 -21.34 6.01
C THR B 53 2.35 -21.77 7.46
N GLN B 54 2.28 -20.80 8.35
CA GLN B 54 2.17 -21.14 9.79
C GLN B 54 1.49 -20.03 10.57
N VAL B 55 0.82 -20.40 11.66
CA VAL B 55 0.28 -19.40 12.58
C VAL B 55 1.25 -19.24 13.73
N LEU B 56 1.64 -18.00 13.97
CA LEU B 56 2.54 -17.69 15.08
C LEU B 56 1.94 -16.70 16.06
N ASN B 57 2.56 -16.56 17.22
CA ASN B 57 2.14 -15.54 18.17
C ASN B 57 3.20 -14.44 18.27
N SER B 58 2.76 -13.19 18.17
CA SER B 58 3.69 -12.04 18.21
C SER B 58 4.45 -11.89 19.53
N GLY B 59 3.97 -12.55 20.59
CA GLY B 59 4.67 -12.52 21.88
C GLY B 59 4.69 -11.15 22.53
N SER B 60 5.45 -11.03 23.60
N SER B 60 5.45 -11.01 23.60
CA SER B 60 5.45 -9.80 24.41
CA SER B 60 5.44 -9.79 24.40
C SER B 60 5.89 -8.54 23.66
C SER B 60 5.91 -8.53 23.67
N SER B 61 6.83 -8.70 22.72
CA SER B 61 7.45 -7.57 22.03
C SER B 61 6.72 -7.10 20.77
N GLY B 62 5.99 -7.99 20.12
CA GLY B 62 5.36 -7.66 18.84
C GLY B 62 6.34 -7.66 17.66
N LYS B 63 7.62 -7.86 17.93
CA LYS B 63 8.66 -7.73 16.89
C LYS B 63 8.70 -8.95 15.97
N VAL B 64 8.39 -8.76 14.69
CA VAL B 64 8.48 -9.85 13.72
C VAL B 64 9.45 -9.45 12.61
N GLN B 65 10.37 -10.35 12.28
CA GLN B 65 11.37 -10.10 11.24
C GLN B 65 11.48 -11.28 10.28
N VAL B 66 11.53 -10.95 8.99
CA VAL B 66 11.64 -11.94 7.94
C VAL B 66 13.05 -11.81 7.36
N GLN B 67 13.74 -12.94 7.28
CA GLN B 67 15.03 -13.02 6.60
C GLN B 67 14.98 -14.13 5.55
N VAL B 68 15.65 -13.89 4.43
CA VAL B 68 15.66 -14.83 3.32
C VAL B 68 17.10 -15.08 2.88
N SER B 69 17.44 -16.35 2.69
CA SER B 69 18.73 -16.68 2.11
C SER B 69 18.65 -17.82 1.09
N VAL B 70 19.68 -17.87 0.25
CA VAL B 70 19.80 -18.92 -0.74
C VAL B 70 21.21 -19.53 -0.58
N ASN B 71 21.23 -20.80 -0.16
CA ASN B 71 22.41 -21.55 0.33
C ASN B 71 23.39 -20.77 1.21
N GLY B 72 22.83 -19.97 2.11
CA GLY B 72 23.62 -19.25 3.07
C GLY B 72 23.81 -17.77 2.77
N ARG B 73 23.47 -17.34 1.56
CA ARG B 73 23.69 -15.97 1.11
C ARG B 73 22.41 -15.17 1.30
N PRO B 74 22.44 -14.11 2.14
CA PRO B 74 21.21 -13.33 2.32
C PRO B 74 20.71 -12.62 1.07
N SER B 75 19.40 -12.72 0.85
CA SER B 75 18.77 -11.99 -0.23
C SER B 75 18.48 -10.56 0.21
N ASP B 76 18.44 -9.65 -0.78
CA ASP B 76 18.06 -8.24 -0.57
C ASP B 76 16.55 -8.15 -0.43
N LEU B 77 16.09 -7.44 0.61
CA LEU B 77 14.66 -7.39 0.91
C LEU B 77 13.98 -6.07 0.55
N VAL B 78 12.70 -6.18 0.22
N VAL B 78 12.69 -6.17 0.24
CA VAL B 78 11.80 -5.03 0.15
CA VAL B 78 11.82 -5.00 0.09
C VAL B 78 10.59 -5.35 1.00
C VAL B 78 10.50 -5.30 0.82
N SER B 79 9.92 -4.32 1.51
CA SER B 79 8.76 -4.58 2.35
C SER B 79 7.94 -3.35 2.58
N ALA B 80 6.67 -3.57 2.94
CA ALA B 80 5.77 -2.51 3.38
C ALA B 80 4.60 -3.14 4.12
N GLN B 81 3.80 -2.30 4.77
CA GLN B 81 2.56 -2.78 5.43
C GLN B 81 1.40 -1.98 4.88
N VAL B 82 0.26 -2.64 4.70
CA VAL B 82 -0.97 -1.97 4.25
C VAL B 82 -2.11 -2.36 5.20
N ILE B 83 -2.99 -1.39 5.45
CA ILE B 83 -4.12 -1.61 6.33
C ILE B 83 -5.37 -1.23 5.57
N LEU B 84 -6.30 -2.18 5.51
CA LEU B 84 -7.58 -2.00 4.83
C LEU B 84 -8.71 -1.83 5.85
N THR B 85 -9.63 -0.92 5.53
CA THR B 85 -10.77 -0.55 6.39
C THR B 85 -10.41 -0.34 7.88
N ASN B 86 -9.20 0.17 8.09
CA ASN B 86 -8.70 0.49 9.44
C ASN B 86 -8.60 -0.70 10.39
N GLU B 87 -8.58 -1.92 9.83
CA GLU B 87 -8.74 -3.15 10.62
C GLU B 87 -7.91 -4.34 10.14
N LEU B 88 -7.74 -4.46 8.82
CA LEU B 88 -7.18 -5.69 8.25
C LEU B 88 -5.74 -5.42 7.85
N ASN B 89 -4.76 -6.15 8.41
CA ASN B 89 -3.36 -5.79 8.16
C ASN B 89 -2.60 -6.82 7.33
N PHE B 90 -1.77 -6.31 6.42
CA PHE B 90 -0.86 -7.14 5.62
C PHE B 90 0.53 -6.58 5.72
N ALA B 91 1.47 -7.46 6.08
CA ALA B 91 2.88 -7.08 6.02
C ALA B 91 3.50 -7.90 4.88
N LEU B 92 4.18 -7.22 3.96
CA LEU B 92 4.56 -7.81 2.67
C LEU B 92 6.06 -7.76 2.51
N VAL B 93 6.62 -8.88 2.10
CA VAL B 93 8.05 -8.94 1.85
C VAL B 93 8.31 -9.53 0.48
N GLY B 94 9.21 -8.88 -0.26
CA GLY B 94 9.81 -9.48 -1.46
C GLY B 94 11.31 -9.59 -1.25
N SER B 95 11.94 -10.48 -2.01
CA SER B 95 13.38 -10.69 -1.87
C SER B 95 14.03 -11.01 -3.20
N GLU B 96 15.31 -10.61 -3.34
CA GLU B 96 16.03 -10.83 -4.60
C GLU B 96 17.35 -11.55 -4.33
N ASP B 97 17.55 -12.68 -5.02
CA ASP B 97 18.72 -13.54 -4.77
C ASP B 97 19.78 -13.37 -5.85
N GLY B 98 19.51 -12.50 -6.82
CA GLY B 98 20.26 -12.46 -8.06
C GLY B 98 20.37 -11.07 -8.64
N THR B 99 20.27 -10.99 -9.96
CA THR B 99 20.52 -9.74 -10.70
C THR B 99 19.35 -9.18 -11.50
N ASP B 100 18.27 -9.95 -11.67
CA ASP B 100 17.18 -9.51 -12.54
C ASP B 100 16.18 -8.57 -11.84
N ASN B 101 16.27 -8.50 -10.52
CA ASN B 101 15.46 -7.61 -9.69
C ASN B 101 13.97 -7.79 -9.84
N ASP B 102 13.54 -9.05 -9.98
CA ASP B 102 12.09 -9.30 -9.94
C ASP B 102 11.57 -9.31 -8.50
N TYR B 103 12.47 -9.48 -7.52
CA TYR B 103 12.12 -9.42 -6.10
C TYR B 103 11.02 -10.39 -5.68
N ASN B 104 10.91 -11.51 -6.40
CA ASN B 104 9.85 -12.48 -6.14
C ASN B 104 10.45 -13.83 -5.78
N ASP B 105 11.77 -13.87 -5.62
CA ASP B 105 12.47 -15.15 -5.44
C ASP B 105 11.97 -15.88 -4.21
N ALA B 106 11.86 -15.16 -3.09
CA ALA B 106 10.93 -15.55 -2.04
C ALA B 106 10.01 -14.36 -1.71
N VAL B 107 8.72 -14.65 -1.62
CA VAL B 107 7.69 -13.66 -1.32
C VAL B 107 7.03 -14.09 -0.02
N VAL B 108 6.88 -13.16 0.93
CA VAL B 108 6.37 -13.52 2.24
C VAL B 108 5.21 -12.58 2.55
N VAL B 109 4.09 -13.17 2.95
CA VAL B 109 2.93 -12.38 3.35
C VAL B 109 2.56 -12.70 4.79
N ILE B 110 2.46 -11.66 5.63
CA ILE B 110 2.07 -11.77 7.01
C ILE B 110 0.66 -11.12 7.13
N ASN B 111 -0.29 -11.80 7.76
CA ASN B 111 -1.63 -11.21 7.91
C ASN B 111 -2.18 -11.31 9.34
N TRP B 112 -2.85 -10.26 9.79
CA TRP B 112 -3.57 -10.27 11.06
C TRP B 112 -4.67 -9.23 11.03
N PRO B 113 -5.67 -9.36 11.93
CA PRO B 113 -5.82 -10.45 12.89
C PRO B 113 -6.45 -11.70 12.25
N LEU B 114 -6.46 -12.77 13.03
CA LEU B 114 -7.01 -14.05 12.64
C LEU B 114 -8.29 -14.32 13.42
N GLY B 115 -8.89 -15.46 13.14
CA GLY B 115 -10.07 -15.92 13.89
C GLY B 115 -11.38 -15.36 13.40
N ALA C 2 -17.49 -1.61 3.08
CA ALA C 2 -16.79 -1.31 4.35
C ALA C 2 -16.73 0.19 4.59
N THR C 3 -16.60 0.56 5.87
CA THR C 3 -16.30 1.95 6.23
C THR C 3 -14.98 2.38 5.58
N GLN C 4 -14.96 3.62 5.08
CA GLN C 4 -13.76 4.16 4.46
C GLN C 4 -13.54 5.57 4.99
N GLY C 5 -12.30 6.02 4.91
CA GLY C 5 -11.97 7.38 5.35
C GLY C 5 -11.80 7.54 6.85
N VAL C 6 -11.68 6.44 7.59
CA VAL C 6 -11.51 6.48 9.04
C VAL C 6 -10.22 5.78 9.42
N PHE C 7 -9.38 6.47 10.19
CA PHE C 7 -8.07 5.98 10.54
C PHE C 7 -7.79 6.20 12.01
N THR C 8 -7.10 5.23 12.60
CA THR C 8 -6.65 5.33 13.97
C THR C 8 -5.18 5.73 13.94
N LEU C 9 -4.91 6.96 14.36
CA LEU C 9 -3.54 7.45 14.43
C LEU C 9 -3.01 7.29 15.85
N PRO C 10 -1.69 7.39 16.02
CA PRO C 10 -1.13 7.41 17.37
C PRO C 10 -1.74 8.59 18.14
N ALA C 11 -2.00 8.38 19.43
CA ALA C 11 -2.65 9.42 20.24
C ALA C 11 -1.74 10.63 20.40
N ASN C 12 -2.36 11.83 20.43
CA ASN C 12 -1.70 13.09 20.81
C ASN C 12 -0.56 13.51 19.86
N THR C 13 -0.67 13.07 18.60
CA THR C 13 0.41 13.15 17.62
C THR C 13 0.04 14.06 16.43
N ARG C 14 0.93 14.97 16.06
CA ARG C 14 0.68 15.82 14.91
C ARG C 14 0.67 15.02 13.62
N PHE C 15 -0.18 15.42 12.70
CA PHE C 15 -0.17 14.85 11.37
C PHE C 15 -0.45 15.94 10.35
N GLY C 16 -0.01 15.71 9.12
CA GLY C 16 -0.34 16.59 8.01
C GLY C 16 -1.54 16.02 7.28
N VAL C 17 -2.41 16.92 6.83
CA VAL C 17 -3.51 16.55 5.95
C VAL C 17 -3.53 17.52 4.78
N THR C 18 -3.65 16.97 3.58
CA THR C 18 -3.52 17.78 2.37
C THR C 18 -4.54 17.29 1.38
N ALA C 19 -5.26 18.22 0.74
CA ALA C 19 -6.35 17.87 -0.19
C ALA C 19 -6.07 18.42 -1.59
N PHE C 20 -6.41 17.61 -2.60
CA PHE C 20 -6.25 17.95 -4.03
C PHE C 20 -7.59 17.84 -4.75
N ALA C 21 -7.83 18.71 -5.73
CA ALA C 21 -9.10 18.70 -6.47
C ALA C 21 -8.88 18.31 -7.94
N ASN C 22 -9.75 17.44 -8.46
CA ASN C 22 -9.76 17.04 -9.88
C ASN C 22 -11.21 16.77 -10.32
N ALA C 23 -12.01 17.84 -10.49
CA ALA C 23 -13.42 17.71 -10.90
C ALA C 23 -13.96 19.06 -11.38
N SER C 24 -15.04 19.05 -12.15
CA SER C 24 -15.64 20.33 -12.53
C SER C 24 -16.38 21.02 -11.39
N GLY C 25 -16.82 20.28 -10.39
CA GLY C 25 -17.57 20.87 -9.27
C GLY C 25 -16.68 21.17 -8.09
N THR C 26 -17.07 22.18 -7.30
CA THR C 26 -16.33 22.58 -6.09
C THR C 26 -16.40 21.46 -5.05
N GLN C 27 -15.23 21.03 -4.59
CA GLN C 27 -15.10 19.98 -3.57
C GLN C 27 -15.06 20.63 -2.19
N THR C 28 -15.60 19.93 -1.20
CA THR C 28 -15.48 20.36 0.20
C THR C 28 -15.01 19.17 1.02
N VAL C 29 -13.85 19.34 1.65
CA VAL C 29 -13.23 18.28 2.44
C VAL C 29 -13.27 18.66 3.90
N ASN C 30 -13.82 17.78 4.72
CA ASN C 30 -13.91 17.97 6.16
C ASN C 30 -13.10 16.93 6.88
N VAL C 31 -12.27 17.38 7.82
CA VAL C 31 -11.41 16.49 8.58
C VAL C 31 -11.85 16.53 10.02
N LEU C 32 -12.26 15.36 10.51
CA LEU C 32 -12.81 15.24 11.86
C LEU C 32 -11.79 14.59 12.77
N VAL C 33 -11.59 15.18 13.94
CA VAL C 33 -10.70 14.60 14.94
C VAL C 33 -11.52 14.32 16.18
N ASN C 34 -11.57 13.05 16.59
CA ASN C 34 -12.45 12.57 17.64
C ASN C 34 -13.89 13.07 17.41
N ASN C 35 -14.38 12.86 16.19
CA ASN C 35 -15.78 13.18 15.80
C ASN C 35 -16.17 14.68 15.78
N GLU C 36 -15.18 15.57 15.78
CA GLU C 36 -15.42 17.03 15.68
C GLU C 36 -14.63 17.62 14.52
N THR C 37 -15.25 18.49 13.71
CA THR C 37 -14.54 19.14 12.59
C THR C 37 -13.32 19.90 13.10
N ALA C 38 -12.16 19.58 12.54
CA ALA C 38 -10.90 20.24 12.86
C ALA C 38 -10.35 21.06 11.69
N ALA C 39 -10.75 20.69 10.48
CA ALA C 39 -10.31 21.41 9.28
C ALA C 39 -11.31 21.21 8.17
N THR C 40 -11.45 22.25 7.33
CA THR C 40 -12.29 22.19 6.15
C THR C 40 -11.51 22.84 5.00
N PHE C 41 -11.40 22.13 3.89
CA PHE C 41 -10.77 22.66 2.69
C PHE C 41 -11.78 22.67 1.56
N SER C 42 -11.63 23.63 0.63
CA SER C 42 -12.52 23.70 -0.53
C SER C 42 -11.91 24.39 -1.73
N GLY C 43 -12.30 23.94 -2.93
CA GLY C 43 -11.86 24.60 -4.16
C GLY C 43 -12.35 23.84 -5.36
N GLN C 44 -11.97 24.34 -6.53
CA GLN C 44 -12.38 23.74 -7.80
C GLN C 44 -11.21 23.75 -8.78
N SER C 45 -10.83 22.55 -9.23
CA SER C 45 -9.69 22.38 -10.12
C SER C 45 -9.85 21.06 -10.84
N THR C 46 -9.48 21.03 -12.11
CA THR C 46 -9.30 19.78 -12.85
C THR C 46 -7.80 19.55 -13.13
N ASN C 47 -6.95 20.08 -12.25
CA ASN C 47 -5.50 19.99 -12.41
C ASN C 47 -4.77 19.87 -11.06
N ASN C 48 -5.40 19.16 -10.12
CA ASN C 48 -4.76 18.76 -8.88
C ASN C 48 -4.36 19.91 -7.96
N ALA C 49 -5.10 21.02 -7.99
CA ALA C 49 -4.81 22.15 -7.09
C ALA C 49 -4.83 21.65 -5.66
N VAL C 50 -3.87 22.14 -4.89
CA VAL C 50 -3.81 21.84 -3.46
C VAL C 50 -4.72 22.81 -2.74
N ILE C 51 -5.98 22.38 -2.64
CA ILE C 51 -7.03 23.23 -2.08
C ILE C 51 -6.88 23.50 -0.58
N GLY C 52 -6.12 22.65 0.11
CA GLY C 52 -5.79 22.94 1.50
C GLY C 52 -4.71 22.03 2.02
N THR C 53 -3.96 22.53 3.00
CA THR C 53 -3.01 21.70 3.74
C THR C 53 -2.94 22.26 5.14
N GLN C 54 -2.78 21.38 6.12
CA GLN C 54 -2.85 21.81 7.53
C GLN C 54 -2.20 20.75 8.41
N VAL C 55 -1.67 21.19 9.55
CA VAL C 55 -1.13 20.27 10.55
C VAL C 55 -2.10 20.27 11.71
N LEU C 56 -2.51 19.07 12.12
CA LEU C 56 -3.44 18.88 13.22
C LEU C 56 -2.86 17.90 14.21
N ASN C 57 -3.41 17.90 15.41
CA ASN C 57 -3.06 16.92 16.42
C ASN C 57 -4.18 15.88 16.54
N SER C 58 -3.81 14.60 16.51
CA SER C 58 -4.78 13.49 16.55
C SER C 58 -5.60 13.40 17.85
N GLY C 59 -5.19 14.11 18.91
CA GLY C 59 -5.93 14.10 20.19
C GLY C 59 -5.81 12.81 21.01
N SER C 60 -6.51 12.76 22.15
CA SER C 60 -6.40 11.63 23.07
C SER C 60 -6.77 10.26 22.46
N SER C 61 -7.76 10.26 21.57
CA SER C 61 -8.25 9.03 20.92
C SER C 61 -7.47 8.65 19.67
N GLY C 62 -6.89 9.64 19.01
CA GLY C 62 -6.26 9.44 17.71
C GLY C 62 -7.19 9.11 16.55
N LYS C 63 -8.51 9.23 16.74
CA LYS C 63 -9.47 8.96 15.66
C LYS C 63 -9.53 10.12 14.67
N VAL C 64 -9.34 9.81 13.39
CA VAL C 64 -9.34 10.82 12.32
C VAL C 64 -10.26 10.33 11.20
N GLN C 65 -11.20 11.18 10.77
CA GLN C 65 -12.11 10.82 9.69
C GLN C 65 -12.16 11.89 8.62
N VAL C 66 -12.21 11.45 7.36
CA VAL C 66 -12.27 12.37 6.26
C VAL C 66 -13.63 12.20 5.60
N GLN C 67 -14.29 13.32 5.33
CA GLN C 67 -15.56 13.31 4.66
C GLN C 67 -15.51 14.31 3.50
N VAL C 68 -16.10 13.97 2.35
CA VAL C 68 -16.04 14.87 1.19
C VAL C 68 -17.46 15.08 0.70
N SER C 69 -17.78 16.31 0.31
CA SER C 69 -19.08 16.58 -0.30
C SER C 69 -18.96 17.53 -1.47
N VAL C 70 -19.90 17.39 -2.39
CA VAL C 70 -19.98 18.21 -3.59
C VAL C 70 -21.43 18.58 -3.76
N ASN C 71 -21.69 19.86 -4.00
CA ASN C 71 -23.06 20.43 -3.99
C ASN C 71 -23.96 19.83 -2.90
N GLY C 72 -23.38 19.75 -1.70
CA GLY C 72 -24.08 19.30 -0.51
C GLY C 72 -24.43 17.82 -0.51
N ARG C 73 -23.71 17.05 -1.31
CA ARG C 73 -23.96 15.61 -1.40
C ARG C 73 -22.67 14.85 -1.09
N PRO C 74 -22.77 13.83 -0.22
CA PRO C 74 -21.58 13.09 0.23
C PRO C 74 -21.00 12.26 -0.92
N SER C 75 -19.69 12.39 -1.13
CA SER C 75 -19.00 11.63 -2.16
C SER C 75 -18.71 10.23 -1.62
N ASP C 76 -18.61 9.27 -2.53
CA ASP C 76 -18.26 7.89 -2.16
C ASP C 76 -16.76 7.86 -1.94
N LEU C 77 -16.32 7.14 -0.91
CA LEU C 77 -14.91 7.16 -0.51
C LEU C 77 -14.21 5.81 -0.68
N VAL C 78 -12.91 5.87 -0.98
CA VAL C 78 -12.03 4.71 -0.95
C VAL C 78 -10.80 5.12 -0.16
N SER C 79 -10.23 4.19 0.62
CA SER C 79 -9.11 4.53 1.48
C SER C 79 -8.22 3.34 1.80
N ALA C 80 -7.00 3.64 2.27
CA ALA C 80 -6.08 2.65 2.84
C ALA C 80 -4.96 3.35 3.59
N GLN C 81 -4.26 2.60 4.42
CA GLN C 81 -3.07 3.15 5.09
C GLN C 81 -1.87 2.32 4.65
N VAL C 82 -0.78 2.98 4.31
N VAL C 82 -0.75 2.98 4.38
CA VAL C 82 0.47 2.29 4.04
CA VAL C 82 0.48 2.32 3.99
C VAL C 82 1.55 2.72 5.00
C VAL C 82 1.62 2.75 4.90
N ILE C 83 2.41 1.77 5.36
CA ILE C 83 3.51 2.06 6.28
C ILE C 83 4.81 1.62 5.60
N LEU C 84 5.75 2.57 5.49
CA LEU C 84 7.09 2.33 4.93
C LEU C 84 8.14 2.20 6.04
N THR C 85 9.07 1.26 5.86
CA THR C 85 10.12 0.96 6.84
C THR C 85 9.62 0.94 8.33
N ASN C 86 8.44 0.36 8.54
CA ASN C 86 7.84 0.22 9.87
C ASN C 86 7.69 1.54 10.65
N GLU C 87 7.72 2.68 9.97
CA GLU C 87 7.86 3.97 10.66
C GLU C 87 7.13 5.14 10.02
N LEU C 88 7.05 5.13 8.70
CA LEU C 88 6.51 6.25 7.95
C LEU C 88 5.09 5.94 7.47
N ASN C 89 4.12 6.74 7.92
CA ASN C 89 2.73 6.45 7.65
C ASN C 89 2.06 7.40 6.67
N PHE C 90 1.22 6.82 5.80
CA PHE C 90 0.32 7.56 4.91
C PHE C 90 -1.06 6.98 5.00
N ALA C 91 -2.05 7.84 5.20
CA ALA C 91 -3.45 7.44 5.11
C ALA C 91 -3.96 8.15 3.87
N LEU C 92 -4.59 7.39 2.98
CA LEU C 92 -4.94 7.84 1.62
C LEU C 92 -6.43 7.77 1.40
N VAL C 93 -7.00 8.82 0.83
CA VAL C 93 -8.43 8.87 0.54
C VAL C 93 -8.67 9.36 -0.89
N GLY C 94 -9.51 8.63 -1.61
CA GLY C 94 -10.07 9.07 -2.88
C GLY C 94 -11.56 9.20 -2.74
N SER C 95 -12.16 10.01 -3.61
CA SER C 95 -13.59 10.22 -3.50
C SER C 95 -14.17 10.38 -4.88
N GLU C 96 -15.40 9.90 -5.03
CA GLU C 96 -16.15 10.01 -6.32
C GLU C 96 -17.44 10.81 -6.15
N ASP C 97 -17.62 11.84 -6.99
CA ASP C 97 -18.77 12.71 -6.90
C ASP C 97 -19.80 12.47 -8.01
N GLY C 98 -19.44 11.61 -8.97
CA GLY C 98 -20.23 11.43 -10.17
C GLY C 98 -20.28 10.00 -10.64
N THR C 99 -20.04 9.82 -11.93
CA THR C 99 -20.34 8.56 -12.59
C THR C 99 -19.13 7.88 -13.23
N ASP C 100 -18.04 8.63 -13.45
CA ASP C 100 -16.90 8.09 -14.18
C ASP C 100 -15.99 7.17 -13.36
N ASN C 101 -16.18 7.16 -12.04
CA ASN C 101 -15.38 6.34 -11.13
C ASN C 101 -13.86 6.46 -11.23
N ASP C 102 -13.40 7.67 -11.51
CA ASP C 102 -11.97 7.96 -11.38
C ASP C 102 -11.54 8.16 -9.89
N TYR C 103 -12.48 8.41 -8.99
CA TYR C 103 -12.17 8.51 -7.53
C TYR C 103 -11.06 9.51 -7.19
N ASN C 104 -10.85 10.51 -8.07
CA ASN C 104 -9.82 11.51 -7.83
C ASN C 104 -10.42 12.89 -7.59
N ASP C 105 -11.75 12.95 -7.40
CA ASP C 105 -12.46 14.24 -7.45
C ASP C 105 -12.01 15.16 -6.32
N ALA C 106 -11.94 14.59 -5.13
CA ALA C 106 -11.08 15.11 -4.10
C ALA C 106 -10.18 13.96 -3.65
N VAL C 107 -8.89 14.24 -3.56
CA VAL C 107 -7.88 13.29 -3.04
C VAL C 107 -7.29 13.87 -1.75
N VAL C 108 -7.22 13.05 -0.71
CA VAL C 108 -6.72 13.51 0.58
C VAL C 108 -5.60 12.58 1.01
N VAL C 109 -4.48 13.18 1.42
CA VAL C 109 -3.32 12.47 1.94
C VAL C 109 -3.06 12.97 3.36
N ILE C 110 -2.94 12.01 4.27
CA ILE C 110 -2.61 12.25 5.64
C ILE C 110 -1.23 11.63 5.86
N ASN C 111 -0.35 12.34 6.55
CA ASN C 111 1.01 11.83 6.78
C ASN C 111 1.50 12.08 8.19
N TRP C 112 2.10 11.05 8.79
CA TRP C 112 2.76 11.18 10.07
C TRP C 112 3.89 10.16 10.15
N PRO C 113 4.86 10.38 11.05
CA PRO C 113 5.01 11.53 11.93
C PRO C 113 5.66 12.71 11.20
N LEU C 114 5.62 13.86 11.87
CA LEU C 114 6.19 15.11 11.36
C LEU C 114 7.44 15.46 12.14
N GLY C 115 8.13 16.52 11.72
CA GLY C 115 9.20 17.04 12.54
C GLY C 115 10.56 16.58 12.10
N ALA D 2 17.39 -2.41 -2.28
CA ALA D 2 16.42 -2.25 -3.41
C ALA D 2 16.37 -0.81 -3.89
N THR D 3 16.30 -0.63 -5.21
CA THR D 3 16.11 0.69 -5.80
C THR D 3 14.77 1.23 -5.27
N GLN D 4 14.75 2.51 -4.94
CA GLN D 4 13.55 3.15 -4.42
C GLN D 4 13.33 4.46 -5.15
N GLY D 5 12.07 4.90 -5.16
CA GLY D 5 11.70 6.18 -5.74
C GLY D 5 11.66 6.19 -7.27
N VAL D 6 11.55 5.00 -7.87
CA VAL D 6 11.39 4.85 -9.30
C VAL D 6 10.02 4.24 -9.60
N PHE D 7 9.25 4.89 -10.46
CA PHE D 7 7.89 4.46 -10.77
C PHE D 7 7.59 4.42 -12.27
N THR D 8 6.92 3.38 -12.73
CA THR D 8 6.43 3.34 -14.10
C THR D 8 4.97 3.80 -14.13
N LEU D 9 4.73 4.94 -14.76
CA LEU D 9 3.37 5.43 -14.92
C LEU D 9 2.91 5.07 -16.33
N PRO D 10 1.59 5.12 -16.59
CA PRO D 10 1.10 4.99 -17.95
C PRO D 10 1.73 6.06 -18.83
N ALA D 11 1.97 5.72 -20.10
CA ALA D 11 2.64 6.66 -21.00
C ALA D 11 1.80 7.92 -21.20
N ASN D 12 2.49 9.04 -21.33
CA ASN D 12 1.88 10.32 -21.76
C ASN D 12 0.69 10.76 -20.92
N THR D 13 0.85 10.67 -19.60
CA THR D 13 -0.24 10.90 -18.67
C THR D 13 0.20 11.95 -17.67
N ARG D 14 -0.66 12.96 -17.46
CA ARG D 14 -0.41 13.96 -16.42
C ARG D 14 -0.43 13.30 -15.03
N PHE D 15 0.44 13.80 -14.17
CA PHE D 15 0.49 13.37 -12.78
C PHE D 15 0.83 14.53 -11.88
N GLY D 16 0.37 14.46 -10.63
CA GLY D 16 0.75 15.47 -9.66
C GLY D 16 1.95 15.02 -8.86
N VAL D 17 2.80 15.98 -8.48
CA VAL D 17 3.89 15.70 -7.55
C VAL D 17 3.96 16.83 -6.54
N THR D 18 3.96 16.47 -5.27
CA THR D 18 3.91 17.42 -4.15
C THR D 18 4.92 16.95 -3.12
N ALA D 19 5.69 17.89 -2.56
CA ALA D 19 6.71 17.57 -1.58
C ALA D 19 6.55 18.37 -0.29
N PHE D 20 6.83 17.71 0.83
CA PHE D 20 6.74 18.27 2.18
C PHE D 20 8.12 18.12 2.84
N ALA D 21 8.43 19.03 3.76
CA ALA D 21 9.69 18.97 4.51
C ALA D 21 9.46 18.84 6.02
N ASN D 22 10.30 18.01 6.67
CA ASN D 22 10.26 17.82 8.13
C ASN D 22 11.69 17.61 8.64
N ALA D 23 12.50 18.66 8.61
CA ALA D 23 13.93 18.52 8.93
C ALA D 23 14.61 19.86 9.13
N SER D 24 15.76 19.86 9.81
CA SER D 24 16.47 21.12 10.05
C SER D 24 17.12 21.69 8.79
N GLY D 25 17.56 20.81 7.90
CA GLY D 25 18.22 21.22 6.66
C GLY D 25 17.33 21.41 5.45
N THR D 26 17.76 22.29 4.55
CA THR D 26 17.06 22.50 3.28
C THR D 26 17.03 21.21 2.46
N GLN D 27 15.82 20.80 2.08
CA GLN D 27 15.64 19.62 1.26
C GLN D 27 15.62 20.05 -0.20
N THR D 28 16.33 19.31 -1.05
CA THR D 28 16.19 19.50 -2.49
C THR D 28 15.59 18.25 -3.14
N VAL D 29 14.44 18.42 -3.78
CA VAL D 29 13.71 17.32 -4.41
C VAL D 29 13.78 17.49 -5.92
N ASN D 30 14.27 16.45 -6.59
N ASN D 30 14.30 16.45 -6.59
CA ASN D 30 14.33 16.44 -8.04
CA ASN D 30 14.38 16.43 -8.04
C ASN D 30 13.44 15.37 -8.60
C ASN D 30 13.46 15.36 -8.61
N VAL D 31 12.64 15.75 -9.58
CA VAL D 31 11.74 14.82 -10.23
C VAL D 31 12.18 14.70 -11.68
N LEU D 32 12.49 13.47 -12.08
CA LEU D 32 13.07 13.17 -13.40
C LEU D 32 12.04 12.43 -14.21
N VAL D 33 11.86 12.83 -15.46
CA VAL D 33 10.97 12.11 -16.35
C VAL D 33 11.83 11.68 -17.52
N ASN D 34 11.74 10.39 -17.87
N ASN D 34 11.72 10.41 -17.90
CA ASN D 34 12.63 9.70 -18.82
CA ASN D 34 12.64 9.79 -18.87
C ASN D 34 14.10 10.10 -18.63
C ASN D 34 14.09 10.21 -18.63
N ASN D 35 14.51 10.11 -17.35
CA ASN D 35 15.89 10.41 -16.91
C ASN D 35 16.36 11.85 -17.11
N GLU D 36 15.42 12.76 -17.32
CA GLU D 36 15.75 14.16 -17.45
C GLU D 36 15.00 14.93 -16.39
N THR D 37 15.66 15.90 -15.77
CA THR D 37 15.02 16.68 -14.70
C THR D 37 13.84 17.49 -15.23
N ALA D 38 12.66 17.24 -14.64
CA ALA D 38 11.43 17.88 -15.08
C ALA D 38 10.91 18.88 -14.03
N ALA D 39 11.26 18.64 -12.76
CA ALA D 39 10.93 19.59 -11.68
C ALA D 39 11.92 19.49 -10.54
N THR D 40 12.14 20.63 -9.88
CA THR D 40 13.00 20.74 -8.72
C THR D 40 12.32 21.60 -7.66
N PHE D 41 12.22 21.08 -6.44
CA PHE D 41 11.65 21.80 -5.32
C PHE D 41 12.73 21.94 -4.23
N SER D 42 12.82 23.12 -3.64
N SER D 42 12.82 23.11 -3.63
N SER D 42 12.82 23.11 -3.63
CA SER D 42 13.70 23.34 -2.51
CA SER D 42 13.73 23.31 -2.50
CA SER D 42 13.74 23.33 -2.52
C SER D 42 12.95 24.05 -1.40
C SER D 42 13.09 24.15 -1.40
C SER D 42 13.08 24.14 -1.40
N GLY D 43 13.26 23.71 -0.16
CA GLY D 43 12.64 24.37 0.99
C GLY D 43 13.06 23.75 2.29
N GLN D 44 12.80 24.48 3.37
CA GLN D 44 13.08 23.99 4.72
C GLN D 44 11.87 24.18 5.64
N SER D 45 11.52 23.14 6.38
CA SER D 45 10.42 23.19 7.35
C SER D 45 10.60 22.04 8.33
N THR D 46 10.29 22.27 9.61
CA THR D 46 10.09 21.14 10.56
C THR D 46 8.58 20.92 10.84
N ASN D 47 7.73 21.56 10.04
CA ASN D 47 6.29 21.51 10.23
C ASN D 47 5.50 21.00 9.03
N ASN D 48 6.15 20.17 8.21
CA ASN D 48 5.45 19.55 7.06
C ASN D 48 4.98 20.58 6.03
N ALA D 49 5.69 21.71 5.92
CA ALA D 49 5.33 22.67 4.88
C ALA D 49 5.45 22.06 3.48
N VAL D 50 4.54 22.44 2.59
CA VAL D 50 4.66 22.10 1.18
C VAL D 50 5.83 22.93 0.61
N ILE D 51 6.88 22.25 0.15
CA ILE D 51 8.01 22.96 -0.46
C ILE D 51 7.85 23.01 -1.99
N GLY D 52 6.84 22.32 -2.52
CA GLY D 52 6.54 22.41 -3.94
C GLY D 52 5.42 21.52 -4.41
N THR D 53 4.72 21.97 -5.46
CA THR D 53 3.70 21.15 -6.09
C THR D 53 3.67 21.48 -7.58
N GLN D 54 3.48 20.45 -8.40
CA GLN D 54 3.52 20.64 -9.86
C GLN D 54 2.78 19.53 -10.59
N VAL D 55 2.33 19.83 -11.79
CA VAL D 55 1.75 18.78 -12.64
C VAL D 55 2.69 18.57 -13.80
N LEU D 56 3.03 17.32 -14.06
CA LEU D 56 4.02 16.97 -15.08
C LEU D 56 3.43 15.90 -15.97
N ASN D 57 4.05 15.67 -17.13
CA ASN D 57 3.60 14.63 -18.05
C ASN D 57 4.61 13.50 -18.06
N SER D 58 4.11 12.26 -17.96
CA SER D 58 4.98 11.09 -17.86
C SER D 58 5.76 10.75 -19.13
N GLY D 59 5.36 11.33 -20.26
CA GLY D 59 6.10 11.17 -21.54
C GLY D 59 5.99 9.79 -22.15
N SER D 60 6.82 9.53 -23.15
CA SER D 60 6.76 8.27 -23.92
C SER D 60 7.11 7.03 -23.11
N SER D 61 7.98 7.20 -22.12
CA SER D 61 8.50 6.05 -21.35
C SER D 61 7.64 5.78 -20.10
N GLY D 62 6.99 6.81 -19.59
CA GLY D 62 6.30 6.74 -18.30
C GLY D 62 7.20 6.59 -17.08
N LYS D 63 8.52 6.61 -17.29
CA LYS D 63 9.47 6.51 -16.16
C LYS D 63 9.58 7.81 -15.37
N VAL D 64 9.23 7.71 -14.08
CA VAL D 64 9.34 8.83 -13.14
C VAL D 64 10.25 8.42 -11.99
N GLN D 65 11.23 9.26 -11.69
CA GLN D 65 12.15 9.03 -10.57
C GLN D 65 12.26 10.26 -9.68
N VAL D 66 12.25 10.00 -8.37
CA VAL D 66 12.35 11.05 -7.37
C VAL D 66 13.70 10.90 -6.69
N GLN D 67 14.41 12.02 -6.58
CA GLN D 67 15.69 12.04 -5.87
C GLN D 67 15.67 13.15 -4.84
N VAL D 68 16.31 12.91 -3.71
CA VAL D 68 16.30 13.89 -2.64
C VAL D 68 17.72 14.03 -2.14
N SER D 69 18.13 15.28 -1.98
CA SER D 69 19.44 15.59 -1.45
C SER D 69 19.36 16.73 -0.43
N VAL D 70 20.33 16.75 0.47
CA VAL D 70 20.44 17.80 1.50
C VAL D 70 21.88 18.28 1.51
N ASN D 71 22.07 19.56 1.23
CA ASN D 71 23.41 20.13 1.05
C ASN D 71 24.33 19.23 0.21
N GLY D 72 23.77 18.70 -0.89
CA GLY D 72 24.51 17.89 -1.87
C GLY D 72 24.59 16.40 -1.57
N ARG D 73 24.15 16.04 -0.38
CA ARG D 73 24.28 14.68 0.11
C ARG D 73 23.00 13.89 -0.21
N PRO D 74 23.10 12.83 -1.01
CA PRO D 74 21.88 12.07 -1.38
C PRO D 74 21.22 11.42 -0.17
N SER D 75 19.90 11.62 -0.04
CA SER D 75 19.14 11.01 1.06
C SER D 75 18.73 9.58 0.72
N ASP D 76 18.68 8.71 1.74
CA ASP D 76 18.22 7.34 1.55
C ASP D 76 16.70 7.40 1.39
N LEU D 77 16.19 6.68 0.40
CA LEU D 77 14.76 6.71 0.09
C LEU D 77 14.02 5.44 0.51
N VAL D 78 12.74 5.59 0.82
CA VAL D 78 11.80 4.45 0.87
C VAL D 78 10.58 4.80 0.03
N SER D 79 10.04 3.81 -0.67
CA SER D 79 8.90 4.06 -1.56
C SER D 79 7.96 2.87 -1.76
N ALA D 80 6.76 3.18 -2.25
CA ALA D 80 5.79 2.19 -2.72
C ALA D 80 4.74 2.85 -3.59
N GLN D 81 4.04 2.04 -4.37
CA GLN D 81 2.86 2.51 -5.09
C GLN D 81 1.64 1.79 -4.57
N VAL D 82 0.55 2.53 -4.34
CA VAL D 82 -0.72 1.90 -3.90
C VAL D 82 -1.80 2.30 -4.91
N ILE D 83 -2.69 1.37 -5.26
CA ILE D 83 -3.81 1.63 -6.18
C ILE D 83 -5.10 1.30 -5.45
N LEU D 84 -5.97 2.29 -5.32
CA LEU D 84 -7.29 2.08 -4.74
C LEU D 84 -8.37 1.94 -5.85
N THR D 85 -9.32 1.02 -5.61
CA THR D 85 -10.41 0.68 -6.53
C THR D 85 -9.99 0.55 -8.00
N ASN D 86 -8.78 0.02 -8.19
CA ASN D 86 -8.21 -0.27 -9.50
C ASN D 86 -8.11 0.96 -10.41
N GLU D 87 -8.13 2.15 -9.80
CA GLU D 87 -8.30 3.42 -10.55
C GLU D 87 -7.38 4.51 -10.04
N LEU D 88 -7.27 4.64 -8.73
CA LEU D 88 -6.57 5.80 -8.17
C LEU D 88 -5.18 5.41 -7.70
N ASN D 89 -4.15 6.08 -8.25
CA ASN D 89 -2.77 5.70 -7.99
C ASN D 89 -2.00 6.72 -7.14
N PHE D 90 -1.22 6.19 -6.20
CA PHE D 90 -0.34 6.99 -5.33
C PHE D 90 1.04 6.40 -5.38
N ALA D 91 2.04 7.21 -5.76
CA ALA D 91 3.44 6.79 -5.58
C ALA D 91 3.99 7.64 -4.43
N LEU D 92 4.49 6.94 -3.41
CA LEU D 92 4.82 7.54 -2.12
C LEU D 92 6.29 7.39 -1.85
N VAL D 93 6.92 8.49 -1.45
CA VAL D 93 8.36 8.47 -1.14
C VAL D 93 8.64 9.15 0.21
N GLY D 94 9.48 8.49 1.00
CA GLY D 94 10.03 9.07 2.22
C GLY D 94 11.54 9.14 2.06
N SER D 95 12.18 10.01 2.83
CA SER D 95 13.65 10.13 2.75
C SER D 95 14.29 10.46 4.08
N GLU D 96 15.54 10.02 4.22
CA GLU D 96 16.26 10.19 5.46
C GLU D 96 17.61 10.87 5.21
N ASP D 97 17.84 11.97 5.93
CA ASP D 97 19.03 12.80 5.71
C ASP D 97 19.98 12.70 6.91
N GLY D 98 19.56 11.94 7.92
CA GLY D 98 20.27 11.91 9.18
C GLY D 98 20.34 10.53 9.80
N THR D 99 20.25 10.48 11.11
CA THR D 99 20.50 9.22 11.84
C THR D 99 19.26 8.72 12.56
N ASP D 100 18.24 9.55 12.63
CA ASP D 100 17.06 9.18 13.42
C ASP D 100 16.09 8.24 12.73
N ASN D 101 16.27 8.03 11.41
CA ASN D 101 15.42 7.12 10.63
C ASN D 101 13.92 7.33 10.77
N ASP D 102 13.52 8.60 10.87
CA ASP D 102 12.09 8.92 10.78
C ASP D 102 11.60 8.92 9.32
N TYR D 103 12.53 9.04 8.37
CA TYR D 103 12.22 8.96 6.91
C TYR D 103 11.18 9.95 6.40
N ASN D 104 11.00 11.07 7.12
CA ASN D 104 10.02 12.09 6.71
C ASN D 104 10.68 13.41 6.33
N ASP D 105 12.02 13.40 6.20
CA ASP D 105 12.77 14.64 6.03
C ASP D 105 12.35 15.42 4.79
N ALA D 106 12.19 14.69 3.70
CA ALA D 106 11.37 15.18 2.58
C ALA D 106 10.43 14.02 2.26
N VAL D 107 9.14 14.31 2.20
CA VAL D 107 8.12 13.35 1.85
C VAL D 107 7.56 13.80 0.50
N VAL D 108 7.50 12.87 -0.45
CA VAL D 108 6.97 13.18 -1.78
C VAL D 108 5.76 12.31 -2.14
N VAL D 109 4.69 12.94 -2.63
CA VAL D 109 3.47 12.25 -3.02
C VAL D 109 3.22 12.51 -4.49
N ILE D 110 3.12 11.44 -5.26
CA ILE D 110 2.79 11.53 -6.67
C ILE D 110 1.41 10.89 -6.81
N ASN D 111 0.53 11.54 -7.57
CA ASN D 111 -0.79 11.00 -7.79
C ASN D 111 -1.29 11.10 -9.24
N TRP D 112 -2.01 10.07 -9.66
CA TRP D 112 -2.66 10.05 -10.97
C TRP D 112 -3.79 9.03 -10.98
N PRO D 113 -4.73 9.14 -11.94
CA PRO D 113 -4.79 10.21 -12.92
C PRO D 113 -5.37 11.51 -12.35
N LEU D 114 -5.24 12.57 -13.13
CA LEU D 114 -5.80 13.87 -12.80
C LEU D 114 -7.01 14.12 -13.69
N GLY D 115 -7.69 15.25 -13.43
CA GLY D 115 -8.75 15.71 -14.30
C GLY D 115 -10.10 15.25 -13.79
CA CA E . -16.06 -11.26 10.21
CA CA F . -13.21 -13.57 11.14
S SO4 G . 4.68 -15.06 -17.60
O1 SO4 G . 5.36 -16.34 -17.45
O2 SO4 G . 5.00 -14.18 -16.47
O3 SO4 G . 5.13 -14.44 -18.84
O4 SO4 G . 3.24 -15.26 -17.66
C1 FUC H . -17.91 -15.40 11.82
C2 FUC H . -16.99 -14.25 11.40
C3 FUC H . -16.26 -13.66 12.59
C4 FUC H . -15.49 -14.77 13.31
C5 FUC H . -16.47 -15.91 13.69
C6 FUC H . -15.73 -17.09 14.33
O1 FUC H . -18.99 -14.89 12.58
O2 FUC H . -17.67 -13.19 10.73
O3 FUC H . -15.34 -12.67 12.16
O4 FUC H . -14.44 -15.23 12.49
O5 FUC H . -17.15 -16.38 12.53
CA CA I . 12.38 -14.81 -9.67
CA CA J . 15.26 -12.59 -8.94
C1 MFU K . 17.02 -16.80 -10.24
C2 MFU K . 16.16 -15.59 -9.85
C3 MFU K . 15.40 -15.08 -11.08
C4 MFU K . 14.67 -16.21 -11.78
C5 MFU K . 15.57 -17.42 -12.06
C6 MFU K . 14.79 -18.58 -12.69
O1 MFU K . 18.03 -16.38 -11.16
O2 MFU K . 16.89 -14.49 -9.24
O3 MFU K . 14.41 -14.13 -10.67
O4 MFU K . 13.56 -16.61 -10.96
O5 MFU K . 16.21 -17.83 -10.83
CM MFU K . 19.12 -17.32 -11.36
S SO4 L . 6.22 -26.71 -7.89
O1 SO4 L . 6.49 -28.03 -8.47
O2 SO4 L . 7.50 -26.08 -7.67
O3 SO4 L . 5.46 -25.92 -8.84
O4 SO4 L . 5.47 -26.78 -6.65
CA CA M . -12.24 13.60 -11.61
CA CA N . -15.13 11.43 -10.81
C1 MFU O . -16.82 15.49 -12.62
C2 MFU O . -15.93 14.37 -12.06
C3 MFU O . -15.09 13.72 -13.15
C4 MFU O . -14.32 14.76 -13.95
C5 MFU O . -15.19 15.97 -14.37
C6 MFU O . -14.37 17.09 -14.99
O1 MFU O . -17.80 14.96 -13.52
O2 MFU O . -16.70 13.34 -11.39
O3 MFU O . -14.21 12.72 -12.56
O4 MFU O . -13.23 15.19 -13.14
O5 MFU O . -15.98 16.47 -13.26
CM MFU O . -18.83 15.92 -13.83
CA CA P . 12.53 14.51 10.24
CA CA Q . 15.38 12.09 9.74
C1 MFU R . 17.22 16.37 10.88
C2 MFU R . 16.28 15.22 10.54
C3 MFU R . 15.47 14.79 11.77
C4 MFU R . 14.73 15.98 12.37
C5 MFU R . 15.69 17.17 12.60
C6 MFU R . 14.90 18.42 13.02
O1 MFU R . 18.21 15.91 11.82
O2 MFU R . 16.99 14.11 9.99
O3 MFU R . 14.58 13.74 11.40
O4 MFU R . 13.68 16.35 11.48
O5 MFU R . 16.45 17.46 11.41
CM MFU R . 19.33 16.79 11.93
#